data_6ICJ
#
_entry.id   6ICJ
#
_cell.length_a   56.051
_cell.length_b   87.030
_cell.length_c   121.224
_cell.angle_alpha   90.00
_cell.angle_beta   90.00
_cell.angle_gamma   90.00
#
_symmetry.space_group_name_H-M   'C 2 2 21'
#
loop_
_entity.id
_entity.type
_entity.pdbx_description
1 polymer 'Peroxisome proliferator-activated receptor gamma'
2 polymer 'Nuclear receptor coactivator 1'
3 non-polymer GLYCEROL
4 non-polymer "2-butyl-5-[(3-tert-butyl-1,2,4-oxadiazol-5-yl)methyl]-6-methyl-3-{[2'-(5-oxo-4,5-dihydro-1,2,4-oxadiazol-3-yl)[1,1'-biphenyl]-4-yl]methyl}pyrimidin-4(3H)-one"
5 water water
#
loop_
_entity_poly.entity_id
_entity_poly.type
_entity_poly.pdbx_seq_one_letter_code
_entity_poly.pdbx_strand_id
1 'polypeptide(L)'
;PESADLRALAKHLYDSYIKSFPLTKAKARAILTGKTTDKSPFVIYDMNSLMMGEDKIKFKHITPLQEQSKEVAIRIFQGC
QFRSVEAVQEITEYAKSIPGFVNLDLNDQVTLLKYGVHEIIYTMLASLMNKDGVLISEGQGFMTREFLKSLRKPFGDFME
PKFEFAVKFNALELDDSDLAIFIAVIILSGDRPGLLNVKPIEDIQDNLLQALELQLKLNHPESSQLFAKLLQKMTDLRQI
VTEHVQLLQVIKKTETDMSLHPLLQEIYKDLY
;
A
2 'polypeptide(L)' CPSSHSSLTERHKILHRLLQEGSPS B
#
# COMPACT_ATOMS: atom_id res chain seq x y z
N PRO A 1 23.83 -10.17 -14.64
CA PRO A 1 23.48 -9.96 -13.23
C PRO A 1 24.63 -10.28 -12.28
N GLU A 2 24.81 -9.46 -11.24
CA GLU A 2 25.87 -9.64 -10.27
C GLU A 2 25.29 -9.61 -8.86
N SER A 3 25.71 -10.58 -8.03
CA SER A 3 25.17 -10.68 -6.68
C SER A 3 25.45 -9.42 -5.87
N ALA A 4 26.67 -8.88 -5.99
CA ALA A 4 27.03 -7.68 -5.24
C ALA A 4 26.11 -6.52 -5.59
N ASP A 5 25.82 -6.33 -6.88
CA ASP A 5 24.90 -5.27 -7.28
C ASP A 5 23.49 -5.55 -6.79
N LEU A 6 23.03 -6.81 -6.95
CA LEU A 6 21.70 -7.20 -6.46
C LEU A 6 21.58 -6.95 -4.97
N ARG A 7 22.64 -7.25 -4.21
CA ARG A 7 22.62 -6.99 -2.79
C ARG A 7 22.80 -5.50 -2.50
N ALA A 8 23.62 -4.83 -3.31
CA ALA A 8 23.70 -3.38 -3.22
C ALA A 8 22.33 -2.75 -3.43
N LEU A 9 21.60 -3.24 -4.43
CA LEU A 9 20.24 -2.76 -4.71
C LEU A 9 19.31 -3.02 -3.54
N ALA A 10 19.34 -4.23 -2.99
CA ALA A 10 18.54 -4.53 -1.81
C ALA A 10 18.80 -3.52 -0.71
N LYS A 11 20.05 -3.43 -0.25
CA LYS A 11 20.40 -2.50 0.81
C LYS A 11 20.06 -1.07 0.43
N HIS A 12 20.31 -0.69 -0.82
CA HIS A 12 19.95 0.64 -1.28
C HIS A 12 18.46 0.89 -1.10
N LEU A 13 17.63 -0.02 -1.62
CA LEU A 13 16.19 0.13 -1.50
C LEU A 13 15.74 0.17 -0.04
N TYR A 14 16.35 -0.65 0.82
CA TYR A 14 15.92 -0.69 2.22
C TYR A 14 16.18 0.64 2.92
N ASP A 15 17.41 1.15 2.81
CA ASP A 15 17.75 2.45 3.40
C ASP A 15 16.83 3.53 2.88
N SER A 16 16.51 3.49 1.59
CA SER A 16 15.62 4.50 1.03
C SER A 16 14.20 4.31 1.53
N TYR A 17 13.77 3.05 1.62
CA TYR A 17 12.48 2.72 2.22
C TYR A 17 12.41 3.20 3.66
N ILE A 18 13.48 2.99 4.43
CA ILE A 18 13.50 3.52 5.78
C ILE A 18 13.33 5.02 5.75
N LYS A 19 14.02 5.69 4.82
CA LYS A 19 14.02 7.14 4.78
C LYS A 19 12.79 7.75 4.14
N SER A 20 11.80 6.95 3.76
CA SER A 20 10.67 7.44 3.01
C SER A 20 9.33 7.19 3.67
N PHE A 21 9.18 6.10 4.41
CA PHE A 21 7.91 5.73 5.01
C PHE A 21 8.10 5.74 6.51
N PRO A 22 7.61 6.77 7.21
CA PRO A 22 7.77 6.85 8.68
C PRO A 22 7.22 5.65 9.39
N LEU A 23 6.21 5.00 8.80
CA LEU A 23 5.57 3.83 9.39
C LEU A 23 6.08 2.58 8.67
N THR A 24 6.83 1.77 9.41
CA THR A 24 7.39 0.52 8.93
C THR A 24 6.66 -0.66 9.58
N LYS A 25 6.82 -1.83 8.97
CA LYS A 25 6.29 -3.03 9.62
C LYS A 25 6.89 -3.21 11.02
N ALA A 26 8.14 -2.80 11.25
CA ALA A 26 8.74 -3.07 12.55
C ALA A 26 8.05 -2.25 13.67
N LYS A 27 7.63 -1.02 13.38
CA LYS A 27 6.91 -0.21 14.36
C LYS A 27 5.48 -0.71 14.56
N ALA A 28 4.81 -1.09 13.46
CA ALA A 28 3.45 -1.57 13.57
C ALA A 28 3.38 -2.85 14.36
N ARG A 29 4.31 -3.77 14.10
CA ARG A 29 4.22 -5.04 14.80
C ARG A 29 4.57 -4.86 16.25
N ALA A 30 5.50 -3.96 16.55
CA ALA A 30 5.85 -3.69 17.93
C ALA A 30 4.63 -3.16 18.70
N ILE A 31 3.79 -2.35 18.04
CA ILE A 31 2.57 -1.88 18.70
C ILE A 31 1.59 -3.04 18.85
N LEU A 32 1.43 -3.85 17.79
CA LEU A 32 0.37 -4.87 17.78
C LEU A 32 0.64 -5.96 18.80
N THR A 33 1.91 -6.30 19.03
CA THR A 33 2.29 -7.33 19.98
C THR A 33 2.56 -6.78 21.36
N GLY A 34 2.23 -5.52 21.61
CA GLY A 34 2.35 -4.92 22.91
C GLY A 34 3.76 -4.58 23.35
N LYS A 35 4.78 -4.87 22.54
CA LYS A 35 6.17 -4.59 22.90
C LYS A 35 6.53 -3.22 22.34
N THR A 36 6.22 -2.17 23.11
CA THR A 36 6.38 -0.78 22.67
C THR A 36 6.41 0.18 23.87
N LYS A 39 0.21 5.03 26.20
CA LYS A 39 0.43 3.75 26.87
C LYS A 39 0.16 2.57 25.95
N SER A 40 -0.76 2.77 25.00
CA SER A 40 -1.50 1.70 24.34
C SER A 40 -2.54 2.34 23.44
N PRO A 41 -2.86 1.73 22.30
CA PRO A 41 -3.88 2.31 21.43
C PRO A 41 -5.25 2.24 22.05
N PHE A 42 -6.07 3.25 21.72
CA PHE A 42 -7.46 3.25 22.15
C PHE A 42 -8.28 2.33 21.24
N VAL A 43 -8.96 1.36 21.85
CA VAL A 43 -9.76 0.40 21.11
C VAL A 43 -11.09 1.03 20.70
N ILE A 44 -11.39 0.98 19.40
CA ILE A 44 -12.67 1.41 18.85
C ILE A 44 -13.41 0.17 18.40
N TYR A 45 -14.48 -0.17 19.12
CA TYR A 45 -15.23 -1.37 18.81
C TYR A 45 -16.75 -1.15 18.63
N ASP A 46 -17.22 0.10 18.64
CA ASP A 46 -18.64 0.45 18.71
C ASP A 46 -18.78 1.93 18.37
N MET A 47 -20.03 2.38 18.21
CA MET A 47 -20.27 3.79 17.94
C MET A 47 -19.82 4.66 19.12
N ASN A 48 -20.11 4.23 20.35
CA ASN A 48 -19.88 5.09 21.50
C ASN A 48 -18.38 5.27 21.78
N SER A 49 -17.61 4.19 21.74
CA SER A 49 -16.18 4.38 21.92
C SER A 49 -15.50 4.93 20.67
N LEU A 50 -16.19 5.00 19.53
CA LEU A 50 -15.69 5.81 18.43
C LEU A 50 -15.85 7.29 18.74
N MET A 51 -17.00 7.67 19.30
CA MET A 51 -17.20 9.05 19.73
C MET A 51 -16.18 9.44 20.81
N MET A 52 -15.94 8.54 21.77
CA MET A 52 -14.91 8.79 22.77
C MET A 52 -13.51 8.77 22.16
N GLY A 53 -13.33 8.09 21.03
CA GLY A 53 -12.02 8.02 20.41
C GLY A 53 -11.64 9.30 19.68
N GLU A 54 -12.60 9.91 18.99
CA GLU A 54 -12.41 11.19 18.29
C GLU A 54 -11.17 11.19 17.39
N LYS A 70 -22.13 13.75 7.57
CA LYS A 70 -21.78 13.74 8.98
C LYS A 70 -22.08 12.39 9.62
N GLU A 71 -22.64 11.46 8.83
CA GLU A 71 -22.92 10.12 9.32
C GLU A 71 -21.61 9.42 9.72
N VAL A 72 -21.74 8.40 10.57
CA VAL A 72 -20.57 7.81 11.22
C VAL A 72 -19.70 7.09 10.19
N ALA A 73 -20.32 6.30 9.30
CA ALA A 73 -19.55 5.53 8.35
C ALA A 73 -18.77 6.43 7.40
N ILE A 74 -19.41 7.50 6.90
CA ILE A 74 -18.71 8.46 6.07
C ILE A 74 -17.57 9.11 6.86
N ARG A 75 -17.81 9.36 8.16
CA ARG A 75 -16.80 10.02 9.00
C ARG A 75 -15.62 9.10 9.33
N ILE A 76 -15.89 7.83 9.60
CA ILE A 76 -14.81 6.87 9.85
C ILE A 76 -13.81 6.86 8.70
N PHE A 77 -14.26 7.17 7.48
CA PHE A 77 -13.36 7.10 6.34
C PHE A 77 -12.94 8.45 5.76
N GLN A 78 -13.59 9.54 6.12
CA GLN A 78 -13.12 10.82 5.62
C GLN A 78 -11.75 11.16 6.19
N GLY A 79 -11.50 10.78 7.46
CA GLY A 79 -10.21 11.08 8.07
C GLY A 79 -9.04 10.36 7.42
N CYS A 80 -9.26 9.13 6.93
CA CYS A 80 -8.20 8.34 6.33
C CYS A 80 -7.61 8.98 5.09
N GLN A 81 -8.38 9.84 4.40
CA GLN A 81 -7.90 10.42 3.15
C GLN A 81 -6.59 11.16 3.36
N PHE A 82 -6.46 11.84 4.50
CA PHE A 82 -5.26 12.62 4.80
C PHE A 82 -4.02 11.74 4.79
N ARG A 83 -4.10 10.57 5.41
CA ARG A 83 -2.97 9.65 5.40
C ARG A 83 -2.73 9.08 4.00
N SER A 84 -3.79 8.75 3.26
CA SER A 84 -3.63 8.33 1.88
C SER A 84 -2.82 9.34 1.07
N VAL A 85 -3.25 10.60 1.10
CA VAL A 85 -2.55 11.63 0.35
C VAL A 85 -1.08 11.65 0.73
N GLU A 86 -0.79 11.55 2.03
CA GLU A 86 0.61 11.58 2.44
C GLU A 86 1.33 10.30 2.04
N ALA A 87 0.64 9.16 2.00
CA ALA A 87 1.27 7.94 1.48
C ALA A 87 1.58 8.08 0.00
N VAL A 88 0.75 8.81 -0.76
CA VAL A 88 1.08 9.06 -2.15
C VAL A 88 2.33 9.92 -2.24
N GLN A 89 2.51 10.86 -1.31
CA GLN A 89 3.73 11.67 -1.28
C GLN A 89 4.96 10.80 -1.02
N GLU A 90 4.87 9.87 -0.07
CA GLU A 90 6.01 9.07 0.35
C GLU A 90 6.36 7.99 -0.67
N ILE A 91 5.35 7.31 -1.20
CA ILE A 91 5.56 6.36 -2.27
C ILE A 91 6.29 7.03 -3.45
N THR A 92 5.94 8.31 -3.72
CA THR A 92 6.56 9.03 -4.83
C THR A 92 8.04 9.33 -4.54
N GLU A 93 8.36 9.72 -3.30
CA GLU A 93 9.76 9.87 -2.91
C GLU A 93 10.47 8.52 -2.86
N TYR A 94 9.73 7.41 -2.73
CA TYR A 94 10.39 6.12 -2.86
C TYR A 94 10.66 5.80 -4.32
N ALA A 95 9.66 5.96 -5.20
CA ALA A 95 9.86 5.64 -6.61
C ALA A 95 10.98 6.46 -7.22
N LYS A 96 11.24 7.67 -6.70
CA LYS A 96 12.33 8.50 -7.18
C LYS A 96 13.70 7.95 -6.77
N SER A 97 13.75 6.99 -5.86
CA SER A 97 15.01 6.39 -5.46
C SER A 97 15.30 5.06 -6.17
N ILE A 98 14.33 4.48 -6.86
CA ILE A 98 14.53 3.20 -7.53
C ILE A 98 15.46 3.47 -8.71
N PRO A 99 16.59 2.79 -8.84
CA PRO A 99 17.53 3.08 -9.94
C PRO A 99 16.86 2.93 -11.30
N GLY A 100 16.82 4.03 -12.05
CA GLY A 100 16.29 4.06 -13.40
C GLY A 100 14.96 4.77 -13.55
N PHE A 101 14.19 4.91 -12.46
CA PHE A 101 12.84 5.44 -12.56
C PHE A 101 12.83 6.91 -12.97
N VAL A 102 13.67 7.73 -12.34
CA VAL A 102 13.70 9.16 -12.63
C VAL A 102 13.97 9.46 -14.10
N ASN A 103 14.61 8.54 -14.81
CA ASN A 103 14.90 8.77 -16.22
C ASN A 103 13.82 8.25 -17.17
N LEU A 104 12.89 7.44 -16.69
CA LEU A 104 11.78 7.00 -17.53
C LEU A 104 10.94 8.20 -17.95
N ASP A 105 10.18 8.04 -19.04
CA ASP A 105 9.36 9.13 -19.53
C ASP A 105 8.37 9.54 -18.44
N LEU A 106 8.44 10.81 -18.03
CA LEU A 106 7.63 11.36 -16.94
C LEU A 106 6.18 10.89 -17.03
N ASN A 107 5.69 10.65 -18.25
CA ASN A 107 4.35 10.11 -18.41
C ASN A 107 4.23 8.70 -17.85
N ASP A 108 5.26 7.88 -18.05
CA ASP A 108 5.25 6.54 -17.46
C ASP A 108 5.40 6.61 -15.96
N GLN A 109 6.13 7.61 -15.45
CA GLN A 109 6.25 7.79 -14.01
C GLN A 109 4.90 8.05 -13.37
N VAL A 110 4.05 8.83 -14.05
CA VAL A 110 2.70 9.09 -13.56
C VAL A 110 1.89 7.80 -13.54
N THR A 111 1.85 7.12 -14.67
CA THR A 111 1.05 5.90 -14.79
C THR A 111 1.49 4.85 -13.79
N LEU A 112 2.80 4.74 -13.54
CA LEU A 112 3.26 3.74 -12.59
C LEU A 112 2.82 4.09 -11.17
N LEU A 113 2.85 5.37 -10.81
CA LEU A 113 2.29 5.75 -9.52
C LEU A 113 0.77 5.66 -9.51
N LYS A 114 0.11 6.08 -10.59
CA LYS A 114 -1.36 6.04 -10.65
C LYS A 114 -1.90 4.65 -10.34
N TYR A 115 -1.31 3.60 -10.92
CA TYR A 115 -1.79 2.25 -10.65
C TYR A 115 -1.07 1.60 -9.48
N GLY A 116 0.17 2.00 -9.19
CA GLY A 116 0.91 1.35 -8.14
C GLY A 116 0.55 1.82 -6.74
N VAL A 117 0.07 3.04 -6.60
CA VAL A 117 0.07 3.65 -5.26
C VAL A 117 -0.85 2.90 -4.30
N HIS A 118 -2.01 2.42 -4.79
CA HIS A 118 -2.95 1.80 -3.87
C HIS A 118 -2.62 0.34 -3.60
N GLU A 119 -1.93 -0.33 -4.53
CA GLU A 119 -1.43 -1.67 -4.27
C GLU A 119 -0.41 -1.65 -3.15
N ILE A 120 0.42 -0.61 -3.12
CA ILE A 120 1.45 -0.52 -2.10
C ILE A 120 0.84 -0.08 -0.77
N ILE A 121 -0.13 0.84 -0.81
CA ILE A 121 -0.85 1.22 0.41
C ILE A 121 -1.45 -0.01 1.07
N TYR A 122 -2.18 -0.82 0.30
CA TYR A 122 -2.78 -1.99 0.93
C TYR A 122 -1.72 -3.00 1.36
N THR A 123 -0.57 -3.02 0.68
CA THR A 123 0.53 -3.85 1.17
C THR A 123 1.01 -3.33 2.52
N MET A 124 1.13 -2.03 2.65
CA MET A 124 1.58 -1.48 3.91
C MET A 124 0.49 -1.56 4.98
N LEU A 125 -0.78 -1.37 4.59
CA LEU A 125 -1.87 -1.52 5.57
C LEU A 125 -1.87 -2.91 6.21
N ALA A 126 -1.37 -3.93 5.50
CA ALA A 126 -1.34 -5.27 6.09
C ALA A 126 -0.50 -5.32 7.35
N SER A 127 0.65 -4.62 7.38
CA SER A 127 1.46 -4.57 8.61
C SER A 127 0.63 -4.13 9.81
N LEU A 128 -0.28 -3.19 9.60
CA LEU A 128 -1.13 -2.61 10.65
C LEU A 128 -2.26 -3.54 11.08
N MET A 129 -2.38 -4.74 10.52
CA MET A 129 -3.57 -5.56 10.70
C MET A 129 -3.21 -6.93 11.26
N ASN A 130 -4.03 -7.42 12.18
CA ASN A 130 -4.12 -8.83 12.51
C ASN A 130 -5.55 -9.29 12.19
N LYS A 131 -5.88 -10.53 12.55
CA LYS A 131 -7.21 -11.01 12.21
C LYS A 131 -8.30 -10.23 12.92
N ASP A 132 -7.97 -9.56 14.04
CA ASP A 132 -8.97 -8.91 14.87
C ASP A 132 -9.15 -7.42 14.60
N GLY A 133 -8.26 -6.76 13.85
CA GLY A 133 -8.46 -5.34 13.63
C GLY A 133 -7.26 -4.65 13.00
N VAL A 134 -7.29 -3.32 13.06
CA VAL A 134 -6.37 -2.48 12.32
C VAL A 134 -6.00 -1.23 13.14
N LEU A 135 -4.69 -0.95 13.20
CA LEU A 135 -4.19 0.25 13.85
C LEU A 135 -4.53 1.50 13.06
N ILE A 136 -4.95 2.53 13.78
CA ILE A 136 -5.48 3.78 13.24
C ILE A 136 -4.66 4.91 13.84
N SER A 137 -4.73 6.10 13.22
CA SER A 137 -4.10 7.33 13.71
C SER A 137 -2.64 7.09 14.08
N GLU A 138 -1.92 6.46 13.15
CA GLU A 138 -0.53 6.09 13.38
C GLU A 138 -0.41 5.27 14.66
N GLY A 139 -1.23 4.24 14.76
CA GLY A 139 -1.09 3.33 15.88
C GLY A 139 -1.56 3.88 17.21
N GLN A 140 -2.16 5.06 17.25
CA GLN A 140 -2.76 5.52 18.50
C GLN A 140 -4.12 4.90 18.73
N GLY A 141 -4.76 4.36 17.68
CA GLY A 141 -6.01 3.65 17.83
C GLY A 141 -5.96 2.29 17.19
N PHE A 142 -6.94 1.47 17.57
CA PHE A 142 -7.14 0.11 17.07
C PHE A 142 -8.64 -0.04 16.85
N MET A 143 -9.05 -0.18 15.58
CA MET A 143 -10.47 -0.29 15.24
C MET A 143 -10.79 -1.74 14.89
N THR A 144 -11.71 -2.34 15.62
CA THR A 144 -11.91 -3.78 15.48
C THR A 144 -12.55 -4.11 14.13
N ARG A 145 -12.20 -5.30 13.63
CA ARG A 145 -12.73 -5.81 12.37
C ARG A 145 -14.24 -6.00 12.48
N GLU A 146 -14.73 -6.58 13.58
CA GLU A 146 -16.17 -6.71 13.78
C GLU A 146 -16.87 -5.37 13.61
N PHE A 147 -16.34 -4.31 14.21
CA PHE A 147 -16.98 -3.00 14.10
C PHE A 147 -17.01 -2.53 12.66
N LEU A 148 -15.88 -2.62 11.95
CA LEU A 148 -15.88 -2.31 10.51
C LEU A 148 -16.89 -3.19 9.76
N LYS A 149 -16.98 -4.47 10.12
CA LYS A 149 -17.95 -5.34 9.47
C LYS A 149 -19.37 -4.89 9.76
N SER A 150 -19.61 -4.32 10.94
CA SER A 150 -20.96 -3.97 11.33
C SER A 150 -21.46 -2.69 10.68
N LEU A 151 -20.63 -1.97 9.92
CA LEU A 151 -21.13 -0.74 9.34
C LEU A 151 -22.16 -1.03 8.25
N ARG A 152 -22.86 0.01 7.82
CA ARG A 152 -24.07 -0.13 7.00
C ARG A 152 -23.76 0.02 5.52
N LYS A 153 -24.82 0.08 4.69
CA LYS A 153 -24.79 0.41 3.27
C LYS A 153 -23.93 -0.62 2.55
N PRO A 154 -23.03 -0.24 1.63
CA PRO A 154 -21.84 -1.10 1.38
C PRO A 154 -20.60 -0.69 2.14
N PHE A 155 -20.70 0.20 3.13
CA PHE A 155 -19.51 0.66 3.85
C PHE A 155 -18.80 -0.49 4.55
N GLY A 156 -19.56 -1.41 5.12
CA GLY A 156 -19.01 -2.50 5.90
C GLY A 156 -18.44 -3.62 5.07
N ASP A 157 -18.19 -3.38 3.79
CA ASP A 157 -17.50 -4.34 2.94
C ASP A 157 -16.22 -3.77 2.33
N PHE A 158 -15.86 -2.54 2.67
CA PHE A 158 -14.58 -1.99 2.23
C PHE A 158 -13.41 -2.75 2.84
N MET A 159 -13.44 -2.94 4.15
CA MET A 159 -12.25 -3.39 4.86
C MET A 159 -12.13 -4.91 4.93
N GLU A 160 -13.23 -5.63 4.92
CA GLU A 160 -13.16 -7.08 5.09
C GLU A 160 -12.33 -7.76 4.00
N PRO A 161 -12.35 -7.35 2.73
CA PRO A 161 -11.41 -7.97 1.78
C PRO A 161 -9.96 -7.65 2.11
N LYS A 162 -9.67 -6.47 2.67
CA LYS A 162 -8.30 -6.19 3.09
C LYS A 162 -7.88 -7.08 4.25
N PHE A 163 -8.79 -7.38 5.19
CA PHE A 163 -8.42 -8.25 6.32
C PHE A 163 -8.10 -9.65 5.83
N GLU A 164 -8.89 -10.15 4.88
CA GLU A 164 -8.67 -11.50 4.39
C GLU A 164 -7.33 -11.59 3.66
N PHE A 165 -7.01 -10.57 2.87
CA PHE A 165 -5.68 -10.46 2.28
C PHE A 165 -4.61 -10.35 3.37
N ALA A 166 -4.78 -9.41 4.31
CA ALA A 166 -3.71 -9.12 5.27
C ALA A 166 -3.38 -10.34 6.09
N VAL A 167 -4.37 -11.15 6.42
CA VAL A 167 -4.06 -12.34 7.21
C VAL A 167 -3.20 -13.30 6.39
N LYS A 168 -3.55 -13.52 5.12
CA LYS A 168 -2.75 -14.42 4.29
C LYS A 168 -1.38 -13.84 3.98
N PHE A 169 -1.32 -12.54 3.67
CA PHE A 169 -0.05 -11.90 3.36
C PHE A 169 0.87 -11.85 4.58
N ASN A 170 0.34 -11.41 5.73
CA ASN A 170 1.16 -11.36 6.94
C ASN A 170 1.77 -12.72 7.24
N ALA A 171 1.10 -13.80 6.85
CA ALA A 171 1.68 -15.12 7.07
C ALA A 171 2.98 -15.34 6.31
N LEU A 172 3.25 -14.55 5.26
CA LEU A 172 4.54 -14.71 4.60
C LEU A 172 5.71 -14.29 5.50
N GLU A 173 5.45 -13.57 6.58
CA GLU A 173 6.47 -13.13 7.52
C GLU A 173 7.51 -12.22 6.85
N LEU A 174 7.10 -11.46 5.85
CA LEU A 174 8.05 -10.54 5.25
C LEU A 174 8.43 -9.46 6.26
N ASP A 175 9.63 -8.93 6.09
CA ASP A 175 10.05 -7.83 6.93
C ASP A 175 10.31 -6.58 6.07
N ASP A 176 10.80 -5.51 6.69
CA ASP A 176 10.95 -4.27 5.95
C ASP A 176 12.03 -4.37 4.88
N SER A 177 13.05 -5.20 5.08
CA SER A 177 13.98 -5.53 4.00
C SER A 177 13.26 -6.13 2.80
N ASP A 178 12.48 -7.19 3.04
CA ASP A 178 11.69 -7.81 1.98
C ASP A 178 10.78 -6.80 1.30
N LEU A 179 10.03 -6.02 2.09
CA LEU A 179 8.97 -5.17 1.56
C LEU A 179 9.54 -4.10 0.64
N ALA A 180 10.64 -3.47 1.03
CA ALA A 180 11.24 -2.43 0.19
C ALA A 180 11.35 -2.87 -1.26
N ILE A 181 11.85 -4.09 -1.48
CA ILE A 181 12.06 -4.58 -2.83
C ILE A 181 10.74 -5.00 -3.48
N PHE A 182 9.87 -5.69 -2.73
CA PHE A 182 8.58 -6.11 -3.26
C PHE A 182 7.75 -4.91 -3.71
N ILE A 183 7.82 -3.80 -2.95
CA ILE A 183 7.09 -2.60 -3.32
C ILE A 183 7.70 -1.96 -4.56
N ALA A 184 9.02 -1.97 -4.67
CA ALA A 184 9.67 -1.46 -5.86
C ALA A 184 9.26 -2.25 -7.10
N VAL A 185 9.22 -3.58 -6.97
CA VAL A 185 8.74 -4.43 -8.05
C VAL A 185 7.34 -4.03 -8.49
N ILE A 186 6.45 -3.73 -7.52
CA ILE A 186 5.06 -3.40 -7.85
C ILE A 186 5.00 -2.11 -8.65
N ILE A 187 5.85 -1.14 -8.32
CA ILE A 187 5.84 0.12 -9.07
C ILE A 187 6.28 -0.11 -10.51
N LEU A 188 7.26 -0.99 -10.71
CA LEU A 188 7.86 -1.19 -12.03
C LEU A 188 7.09 -2.28 -12.80
N SER A 189 5.78 -2.10 -12.89
CA SER A 189 4.88 -3.05 -13.53
C SER A 189 4.66 -2.61 -14.98
N GLY A 190 5.22 -3.35 -15.92
CA GLY A 190 5.20 -2.94 -17.30
C GLY A 190 3.94 -3.30 -18.09
N ASP A 191 2.85 -3.62 -17.41
CA ASP A 191 1.65 -4.07 -18.09
C ASP A 191 0.42 -3.25 -17.69
N ARG A 192 0.63 -2.06 -17.11
CA ARG A 192 -0.49 -1.21 -16.75
C ARG A 192 -1.03 -0.50 -17.99
N PRO A 193 -2.30 -0.14 -17.98
CA PRO A 193 -2.83 0.58 -19.15
C PRO A 193 -2.11 1.91 -19.34
N GLY A 194 -1.57 2.10 -20.53
CA GLY A 194 -1.14 3.41 -20.97
C GLY A 194 0.36 3.66 -21.01
N LEU A 195 1.22 2.78 -20.50
CA LEU A 195 2.64 3.04 -20.60
C LEU A 195 3.02 3.33 -22.05
N LEU A 196 4.01 4.20 -22.23
CA LEU A 196 4.40 4.60 -23.58
C LEU A 196 5.27 3.52 -24.23
N ASN A 197 6.48 3.32 -23.71
CA ASN A 197 7.28 2.15 -24.05
C ASN A 197 7.51 1.36 -22.77
N VAL A 198 7.09 0.08 -22.79
CA VAL A 198 7.24 -0.77 -21.62
C VAL A 198 8.61 -1.40 -21.52
N LYS A 199 9.44 -1.29 -22.55
CA LYS A 199 10.71 -2.02 -22.56
C LYS A 199 11.63 -1.62 -21.42
N PRO A 200 11.96 -0.35 -21.19
CA PRO A 200 12.85 -0.02 -20.07
C PRO A 200 12.22 -0.30 -18.71
N ILE A 201 10.90 -0.31 -18.61
CA ILE A 201 10.25 -0.64 -17.34
C ILE A 201 10.49 -2.10 -16.99
N GLU A 202 10.48 -2.98 -17.99
CA GLU A 202 10.70 -4.40 -17.69
C GLU A 202 12.15 -4.67 -17.34
N ASP A 203 13.08 -3.94 -17.95
CA ASP A 203 14.48 -4.17 -17.62
C ASP A 203 14.72 -3.84 -16.15
N ILE A 204 14.15 -2.73 -15.67
CA ILE A 204 14.24 -2.39 -14.26
C ILE A 204 13.59 -3.47 -13.40
N GLN A 205 12.37 -3.87 -13.74
CA GLN A 205 11.64 -4.81 -12.88
C GLN A 205 12.29 -6.19 -12.86
N ASP A 206 12.66 -6.71 -14.03
CA ASP A 206 13.35 -7.99 -14.07
C ASP A 206 14.50 -8.01 -13.06
N ASN A 207 15.28 -6.93 -13.03
CA ASN A 207 16.41 -6.82 -12.12
C ASN A 207 15.94 -6.74 -10.67
N LEU A 208 14.87 -5.97 -10.42
CA LEU A 208 14.26 -5.93 -9.10
C LEU A 208 13.77 -7.30 -8.67
N LEU A 209 13.09 -8.02 -9.56
CA LEU A 209 12.67 -9.39 -9.26
C LEU A 209 13.85 -10.26 -8.89
N GLN A 210 15.02 -10.02 -9.50
CA GLN A 210 16.20 -10.83 -9.20
C GLN A 210 16.74 -10.54 -7.81
N ALA A 211 16.78 -9.25 -7.44
CA ALA A 211 17.16 -8.91 -6.08
C ALA A 211 16.19 -9.52 -5.08
N LEU A 212 14.89 -9.45 -5.37
CA LEU A 212 13.89 -10.09 -4.52
C LEU A 212 14.21 -11.57 -4.29
N GLU A 213 14.35 -12.34 -5.38
CA GLU A 213 14.58 -13.77 -5.27
C GLU A 213 15.78 -14.06 -4.39
N LEU A 214 16.90 -13.38 -4.66
CA LEU A 214 18.05 -13.46 -3.78
C LEU A 214 17.70 -12.97 -2.37
N GLN A 215 17.03 -11.83 -2.28
CA GLN A 215 16.67 -11.29 -0.97
C GLN A 215 15.89 -12.32 -0.16
N LEU A 216 14.84 -12.90 -0.76
CA LEU A 216 14.03 -13.87 -0.05
C LEU A 216 14.79 -15.16 0.18
N LYS A 217 15.70 -15.53 -0.72
CA LYS A 217 16.42 -16.78 -0.51
C LYS A 217 17.35 -16.70 0.69
N LEU A 218 17.97 -15.54 0.94
CA LEU A 218 18.87 -15.44 2.09
C LEU A 218 18.11 -15.15 3.38
N ASN A 219 17.25 -14.14 3.36
CA ASN A 219 16.48 -13.77 4.55
C ASN A 219 15.57 -14.90 5.01
N HIS A 220 15.08 -15.73 4.09
CA HIS A 220 14.16 -16.82 4.43
C HIS A 220 14.63 -18.08 3.73
N PRO A 221 15.65 -18.75 4.26
CA PRO A 221 16.14 -20.00 3.64
C PRO A 221 15.27 -21.21 3.95
N GLU A 222 14.31 -21.10 4.85
CA GLU A 222 13.47 -22.22 5.26
C GLU A 222 12.05 -22.11 4.72
N SER A 223 11.72 -21.02 4.04
CA SER A 223 10.47 -20.90 3.28
C SER A 223 10.79 -21.20 1.81
N SER A 224 10.52 -22.43 1.40
CA SER A 224 11.02 -22.98 0.14
C SER A 224 10.72 -22.07 -1.05
N GLN A 225 9.45 -21.77 -1.28
CA GLN A 225 9.05 -21.02 -2.47
C GLN A 225 8.37 -19.72 -2.06
N LEU A 226 8.97 -19.04 -1.10
CA LEU A 226 8.50 -17.71 -0.74
C LEU A 226 8.38 -16.84 -1.97
N PHE A 227 9.31 -17.00 -2.91
CA PHE A 227 9.31 -16.15 -4.08
C PHE A 227 8.01 -16.31 -4.88
N ALA A 228 7.63 -17.57 -5.16
CA ALA A 228 6.42 -17.81 -5.93
C ALA A 228 5.18 -17.31 -5.18
N LYS A 229 5.05 -17.66 -3.90
CA LYS A 229 3.89 -17.22 -3.11
C LYS A 229 3.76 -15.70 -3.09
N LEU A 230 4.89 -14.98 -3.14
CA LEU A 230 4.82 -13.53 -3.06
C LEU A 230 4.38 -12.93 -4.40
N LEU A 231 4.82 -13.54 -5.50
CA LEU A 231 4.39 -13.09 -6.82
C LEU A 231 2.89 -13.24 -7.01
N GLN A 232 2.30 -14.28 -6.42
CA GLN A 232 0.87 -14.48 -6.54
C GLN A 232 0.05 -13.48 -5.73
N LYS A 233 0.65 -12.87 -4.68
CA LYS A 233 -0.02 -11.82 -3.93
C LYS A 233 -0.11 -10.54 -4.72
N MET A 234 0.84 -10.32 -5.63
CA MET A 234 0.80 -9.14 -6.51
C MET A 234 -0.51 -9.07 -7.29
N THR A 235 -1.07 -10.22 -7.65
CA THR A 235 -2.32 -10.23 -8.41
C THR A 235 -3.52 -10.06 -7.49
N ASP A 236 -3.46 -10.67 -6.30
CA ASP A 236 -4.44 -10.35 -5.26
C ASP A 236 -4.56 -8.84 -5.03
N LEU A 237 -3.43 -8.12 -5.02
CA LEU A 237 -3.47 -6.68 -4.77
C LEU A 237 -4.22 -5.94 -5.88
N ARG A 238 -4.14 -6.45 -7.12
CA ARG A 238 -4.83 -5.80 -8.23
C ARG A 238 -6.33 -5.94 -8.11
N GLN A 239 -6.80 -7.09 -7.60
CA GLN A 239 -8.23 -7.34 -7.43
C GLN A 239 -8.80 -6.52 -6.29
N ILE A 240 -8.02 -6.34 -5.22
CA ILE A 240 -8.45 -5.52 -4.10
C ILE A 240 -8.69 -4.09 -4.57
N VAL A 241 -7.75 -3.54 -5.32
CA VAL A 241 -7.92 -2.18 -5.82
C VAL A 241 -9.15 -2.10 -6.70
N THR A 242 -9.32 -3.12 -7.56
CA THR A 242 -10.43 -3.15 -8.50
C THR A 242 -11.76 -3.12 -7.76
N GLU A 243 -11.97 -4.05 -6.84
CA GLU A 243 -13.22 -4.07 -6.09
C GLU A 243 -13.41 -2.76 -5.34
N HIS A 244 -12.35 -2.27 -4.69
CA HIS A 244 -12.41 -1.01 -3.97
C HIS A 244 -12.87 0.11 -4.87
N VAL A 245 -12.30 0.19 -6.07
CA VAL A 245 -12.70 1.24 -7.01
C VAL A 245 -14.15 1.06 -7.41
N GLN A 246 -14.63 -0.18 -7.45
CA GLN A 246 -16.02 -0.40 -7.80
C GLN A 246 -16.94 0.03 -6.67
N LEU A 247 -16.56 -0.26 -5.44
CA LEU A 247 -17.36 0.18 -4.32
C LEU A 247 -17.46 1.69 -4.29
N LEU A 248 -16.37 2.39 -4.63
CA LEU A 248 -16.41 3.85 -4.72
C LEU A 248 -17.47 4.31 -5.72
N GLN A 249 -17.64 3.57 -6.82
CA GLN A 249 -18.62 3.98 -7.84
C GLN A 249 -20.04 3.90 -7.31
N VAL A 250 -20.36 2.85 -6.54
CA VAL A 250 -21.68 2.71 -5.94
C VAL A 250 -21.97 3.85 -4.97
N ILE A 251 -20.94 4.35 -4.28
CA ILE A 251 -21.13 5.43 -3.32
C ILE A 251 -21.39 6.75 -4.04
N LYS A 252 -20.58 7.06 -5.05
CA LYS A 252 -20.74 8.31 -5.80
C LYS A 252 -22.11 8.40 -6.47
N LYS A 253 -22.81 7.28 -6.64
CA LYS A 253 -24.17 7.29 -7.13
C LYS A 253 -25.20 7.56 -6.03
N THR A 254 -24.78 7.56 -4.77
CA THR A 254 -25.70 7.58 -3.64
C THR A 254 -25.33 8.66 -2.62
N GLU A 255 -24.16 8.52 -2.01
CA GLU A 255 -23.74 9.39 -0.90
C GLU A 255 -23.39 10.77 -1.44
N THR A 256 -24.27 11.74 -1.18
CA THR A 256 -23.93 13.13 -1.48
C THR A 256 -22.84 13.63 -0.55
N ASP A 257 -22.85 13.16 0.70
CA ASP A 257 -21.87 13.51 1.73
C ASP A 257 -20.50 12.92 1.48
N MET A 258 -20.24 12.28 0.35
CA MET A 258 -18.94 11.72 0.04
C MET A 258 -18.17 12.70 -0.85
N SER A 259 -17.07 13.24 -0.32
CA SER A 259 -16.12 14.03 -1.08
C SER A 259 -14.79 13.31 -1.02
N LEU A 260 -13.96 13.51 -2.04
CA LEU A 260 -12.63 12.93 -2.06
C LEU A 260 -11.59 14.03 -2.32
N HIS A 261 -10.51 13.96 -1.58
CA HIS A 261 -9.35 14.81 -1.83
C HIS A 261 -9.02 14.81 -3.32
N PRO A 262 -8.59 15.95 -3.88
CA PRO A 262 -8.33 16.00 -5.33
C PRO A 262 -7.20 15.12 -5.79
N LEU A 263 -6.23 14.80 -4.93
CA LEU A 263 -5.16 13.91 -5.35
C LEU A 263 -5.68 12.49 -5.56
N LEU A 264 -6.47 12.00 -4.58
CA LEU A 264 -7.12 10.71 -4.73
C LEU A 264 -8.07 10.72 -5.91
N GLN A 265 -8.90 11.75 -6.02
CA GLN A 265 -9.77 11.88 -7.18
C GLN A 265 -8.94 11.91 -8.46
N GLU A 266 -7.78 12.57 -8.43
CA GLU A 266 -6.89 12.57 -9.58
C GLU A 266 -6.45 11.16 -9.94
N ILE A 267 -6.25 10.31 -8.94
CA ILE A 267 -5.76 8.95 -9.19
C ILE A 267 -6.89 8.04 -9.65
N TYR A 268 -8.07 8.17 -9.05
CA TYR A 268 -9.15 7.24 -9.33
C TYR A 268 -9.76 7.41 -10.72
N LYS A 269 -9.65 8.60 -11.32
CA LYS A 269 -10.30 8.85 -12.60
C LYS A 269 -9.69 8.01 -13.71
N ASP A 270 -10.54 7.36 -14.50
CA ASP A 270 -10.13 6.49 -15.61
C ASP A 270 -9.23 5.33 -15.17
N LEU A 271 -9.23 4.99 -13.89
CA LEU A 271 -8.36 3.92 -13.39
C LEU A 271 -8.88 2.54 -13.80
N GLU B 10 -0.13 15.75 -17.39
CA GLU B 10 -1.25 15.58 -18.31
C GLU B 10 -2.55 16.05 -17.68
N ARG B 11 -3.37 15.10 -17.25
CA ARG B 11 -4.55 15.37 -16.44
C ARG B 11 -4.35 14.94 -15.00
N HIS B 12 -3.20 14.36 -14.68
CA HIS B 12 -2.74 14.17 -13.31
C HIS B 12 -1.70 15.26 -13.06
N LYS B 13 -2.15 16.43 -12.61
CA LYS B 13 -1.21 17.53 -12.43
C LYS B 13 -0.60 17.59 -11.03
N ILE B 14 -1.33 17.16 -10.00
CA ILE B 14 -0.71 17.06 -8.68
C ILE B 14 0.47 16.09 -8.73
N LEU B 15 0.23 14.87 -9.24
CA LEU B 15 1.30 13.88 -9.31
C LEU B 15 2.46 14.38 -10.17
N HIS B 16 2.15 15.03 -11.29
CA HIS B 16 3.17 15.67 -12.12
C HIS B 16 4.05 16.59 -11.27
N ARG B 17 3.43 17.40 -10.41
CA ARG B 17 4.18 18.37 -9.61
C ARG B 17 4.99 17.68 -8.52
N LEU B 18 4.42 16.65 -7.88
CA LEU B 18 5.09 15.92 -6.82
C LEU B 18 6.40 15.27 -7.26
N LEU B 19 6.71 15.25 -8.56
CA LEU B 19 7.82 14.45 -9.05
C LEU B 19 9.10 15.23 -9.31
N GLN B 20 9.02 16.50 -9.71
CA GLN B 20 10.23 17.31 -9.74
C GLN B 20 10.37 18.08 -8.43
#